data_7SC4
#
_entry.id   7SC4
#
_cell.length_a   50.248
_cell.length_b   66.010
_cell.length_c   71.889
_cell.angle_alpha   90.000
_cell.angle_beta   90.000
_cell.angle_gamma   90.000
#
_symmetry.space_group_name_H-M   'P 21 2 21'
#
loop_
_entity.id
_entity.type
_entity.pdbx_description
1 polymer 'Filamin-A/Integrin alpha-IIb light chain, form 2 chimera'
2 non-polymer 'SULFATE ION'
3 water water
#
_entity_poly.entity_id   1
_entity_poly.type   'polypeptide(L)'
_entity_poly.pdbx_seq_one_letter_code
;GGAHKVRAGGPGLERAEAGVPAEFSIWTREAGAGGLAIAVEGPSKAEISFEDRKDGSCGVAYVVQEPGDYEVSVKFNEEH
IPDSPFVVPVASPSGGASGSGASGSSGSWKVGFFKRNRPPLEEDDEEGEG
;
_entity_poly.pdbx_strand_id   A,B
#
# COMPACT_ATOMS: atom_id res chain seq x y z
N GLY A 1 14.22 23.33 11.58
CA GLY A 1 15.34 22.35 11.59
C GLY A 1 14.88 21.02 12.16
N GLY A 2 15.77 20.02 12.10
CA GLY A 2 15.45 18.67 12.61
C GLY A 2 15.58 17.59 11.52
N ALA A 3 15.44 17.99 10.24
CA ALA A 3 15.48 17.01 9.08
C ALA A 3 16.82 16.29 9.08
N HIS A 4 17.88 17.02 9.45
CA HIS A 4 19.23 16.43 9.51
CA HIS A 4 19.23 16.53 9.58
C HIS A 4 19.31 15.27 10.50
N LYS A 5 18.37 15.18 11.46
CA LYS A 5 18.35 14.05 12.40
C LYS A 5 17.53 12.82 11.96
N VAL A 6 16.78 12.95 10.89
CA VAL A 6 15.90 11.91 10.44
C VAL A 6 16.70 10.98 9.51
N ARG A 7 16.38 9.69 9.53
CA ARG A 7 16.99 8.74 8.58
C ARG A 7 15.90 7.89 7.96
N ALA A 8 16.16 7.43 6.73
CA ALA A 8 15.28 6.48 6.06
C ALA A 8 16.10 5.37 5.42
N GLY A 9 15.55 4.17 5.31
CA GLY A 9 16.26 3.06 4.68
C GLY A 9 15.34 1.92 4.34
N GLY A 10 15.64 1.22 3.25
CA GLY A 10 14.88 0.03 2.92
C GLY A 10 15.06 -0.27 1.45
N PRO A 11 14.63 -1.45 1.01
CA PRO A 11 14.81 -1.86 -0.42
C PRO A 11 14.12 -0.95 -1.40
N GLY A 12 12.96 -0.40 -1.00
CA GLY A 12 12.26 0.56 -1.86
C GLY A 12 12.95 1.88 -2.11
N LEU A 13 14.07 2.12 -1.43
CA LEU A 13 14.83 3.26 -1.73
C LEU A 13 16.01 2.87 -2.62
N GLU A 14 16.07 1.62 -3.03
CA GLU A 14 17.23 1.17 -3.85
C GLU A 14 16.76 0.71 -5.19
N ARG A 15 15.76 -0.16 -5.23
CA ARG A 15 15.29 -0.66 -6.54
C ARG A 15 13.89 -1.13 -6.33
N ALA A 16 13.11 -1.11 -7.39
CA ALA A 16 11.71 -1.60 -7.26
C ALA A 16 11.31 -2.26 -8.55
N GLU A 17 10.13 -2.90 -8.56
CA GLU A 17 9.57 -3.56 -9.76
CA GLU A 17 9.59 -3.53 -9.77
C GLU A 17 8.16 -3.02 -9.94
N ALA A 18 7.76 -2.72 -11.19
CA ALA A 18 6.42 -2.22 -11.50
C ALA A 18 5.36 -3.14 -10.86
N GLY A 19 4.44 -2.56 -10.08
CA GLY A 19 3.30 -3.33 -9.47
C GLY A 19 3.64 -4.12 -8.19
N VAL A 20 4.90 -4.13 -7.78
CA VAL A 20 5.32 -4.83 -6.55
C VAL A 20 5.54 -3.78 -5.46
N PRO A 21 4.93 -3.93 -4.27
CA PRO A 21 5.16 -2.88 -3.24
C PRO A 21 6.64 -2.66 -2.93
N ALA A 22 7.05 -1.41 -2.82
CA ALA A 22 8.47 -1.06 -2.63
C ALA A 22 8.47 -0.47 -1.22
N GLU A 23 9.18 -1.14 -0.29
CA GLU A 23 9.09 -0.79 1.12
C GLU A 23 10.30 -0.08 1.73
N PHE A 24 10.01 0.82 2.66
CA PHE A 24 11.13 1.32 3.42
C PHE A 24 10.63 1.83 4.75
N SER A 25 11.55 2.21 5.64
CA SER A 25 11.17 2.83 6.92
C SER A 25 11.78 4.21 7.05
N ILE A 26 11.17 5.02 7.91
CA ILE A 26 11.69 6.30 8.28
C ILE A 26 11.79 6.34 9.82
N TRP A 27 12.95 6.71 10.33
CA TRP A 27 13.19 6.81 11.78
C TRP A 27 13.20 8.25 12.17
N THR A 28 12.27 8.64 13.03
CA THR A 28 12.14 10.08 13.34
C THR A 28 12.28 10.37 14.82
N ARG A 29 12.82 9.40 15.57
CA ARG A 29 12.84 9.50 17.04
C ARG A 29 13.65 10.71 17.53
N GLU A 30 14.89 10.87 17.07
CA GLU A 30 15.72 12.03 17.49
C GLU A 30 15.22 13.39 16.95
N ALA A 31 14.43 13.36 15.88
CA ALA A 31 13.95 14.61 15.27
C ALA A 31 12.75 15.20 16.03
N GLY A 32 11.93 14.33 16.59
CA GLY A 32 10.74 14.72 17.33
C GLY A 32 9.56 15.16 16.47
N ALA A 33 8.76 16.04 17.05
CA ALA A 33 7.55 16.52 16.42
C ALA A 33 7.88 17.55 15.34
N GLY A 34 7.19 17.43 14.21
CA GLY A 34 7.32 18.42 13.12
C GLY A 34 6.59 17.74 11.91
N GLY A 35 6.65 18.36 10.73
CA GLY A 35 5.84 17.89 9.58
C GLY A 35 6.68 16.96 8.72
N LEU A 36 6.11 15.81 8.35
CA LEU A 36 6.86 14.87 7.58
C LEU A 36 6.17 14.85 6.26
N ALA A 37 6.94 14.88 5.15
CA ALA A 37 6.35 14.82 3.78
C ALA A 37 7.04 13.71 3.01
N ILE A 38 6.27 12.84 2.39
CA ILE A 38 6.84 11.68 1.71
C ILE A 38 6.25 11.74 0.28
N ALA A 39 7.08 11.75 -0.73
CA ALA A 39 6.54 11.88 -2.13
C ALA A 39 7.27 10.96 -3.07
N VAL A 40 6.56 10.56 -4.14
CA VAL A 40 7.16 9.76 -5.19
C VAL A 40 6.85 10.43 -6.53
N GLU A 41 7.90 10.70 -7.33
CA GLU A 41 7.73 11.35 -8.58
C GLU A 41 8.27 10.45 -9.70
N GLY A 42 7.54 10.35 -10.79
CA GLY A 42 8.04 9.51 -11.91
C GLY A 42 7.03 9.47 -13.03
N PRO A 43 7.20 8.50 -13.92
CA PRO A 43 6.36 8.50 -15.09
C PRO A 43 4.98 8.04 -14.82
N SER A 44 4.73 7.39 -13.71
CA SER A 44 3.31 7.05 -13.40
C SER A 44 2.97 7.51 -12.02
N LYS A 45 1.68 7.46 -11.68
CA LYS A 45 1.24 8.03 -10.43
C LYS A 45 1.29 6.95 -9.30
N ALA A 46 2.05 7.18 -8.22
CA ALA A 46 2.31 6.16 -7.23
C ALA A 46 1.07 6.01 -6.34
N GLU A 47 0.91 4.84 -5.75
CA GLU A 47 0.04 4.66 -4.60
C GLU A 47 0.90 4.46 -3.37
N ILE A 48 0.71 5.26 -2.33
CA ILE A 48 1.63 5.19 -1.23
C ILE A 48 0.84 4.89 0.07
N SER A 49 1.39 4.04 0.96
CA SER A 49 0.71 3.80 2.22
C SER A 49 1.70 3.88 3.35
N PHE A 50 1.17 4.04 4.57
CA PHE A 50 2.00 4.32 5.72
C PHE A 50 1.52 3.53 6.92
N GLU A 51 2.47 3.13 7.74
CA GLU A 51 2.15 2.58 9.04
C GLU A 51 2.93 3.34 10.12
N ASP A 52 2.21 4.02 11.01
CA ASP A 52 2.86 4.68 12.16
C ASP A 52 3.18 3.59 13.19
N ARG A 53 4.44 3.27 13.37
CA ARG A 53 4.80 2.17 14.28
C ARG A 53 4.67 2.54 15.77
N LYS A 54 4.35 3.80 16.07
CA LYS A 54 4.18 4.20 17.48
C LYS A 54 5.46 4.10 18.32
N ASP A 55 6.61 3.99 17.66
CA ASP A 55 7.89 3.89 18.38
C ASP A 55 8.90 4.85 17.78
N GLY A 56 8.39 5.92 17.16
CA GLY A 56 9.26 6.88 16.47
C GLY A 56 9.76 6.40 15.12
N SER A 57 9.10 5.38 14.55
CA SER A 57 9.39 4.95 13.16
C SER A 57 8.08 4.88 12.34
N CYS A 58 8.23 4.90 11.01
CA CYS A 58 7.12 4.88 10.06
CA CYS A 58 7.11 4.81 10.09
C CYS A 58 7.46 3.81 9.00
N GLY A 59 6.53 2.93 8.69
CA GLY A 59 6.73 1.98 7.59
C GLY A 59 6.05 2.64 6.36
N VAL A 60 6.77 2.72 5.22
CA VAL A 60 6.20 3.24 3.95
C VAL A 60 6.24 2.17 2.90
N ALA A 61 5.21 2.12 2.08
CA ALA A 61 5.23 1.22 0.91
C ALA A 61 4.61 1.98 -0.27
N TYR A 62 5.20 1.91 -1.46
CA TYR A 62 4.55 2.49 -2.63
C TYR A 62 4.54 1.51 -3.79
N VAL A 63 3.59 1.69 -4.70
CA VAL A 63 3.45 0.86 -5.87
C VAL A 63 3.31 1.79 -7.05
N VAL A 64 4.11 1.54 -8.12
CA VAL A 64 3.98 2.29 -9.36
C VAL A 64 3.69 1.30 -10.50
N GLN A 65 2.94 1.75 -11.48
CA GLN A 65 2.49 0.84 -12.59
C GLN A 65 3.51 0.67 -13.75
N GLU A 66 4.28 1.72 -13.99
CA GLU A 66 5.14 1.85 -15.20
C GLU A 66 6.62 1.78 -14.79
N PRO A 67 7.41 1.03 -15.56
CA PRO A 67 8.86 1.07 -15.28
C PRO A 67 9.46 2.43 -15.65
N GLY A 68 10.61 2.76 -15.05
CA GLY A 68 11.34 4.01 -15.32
C GLY A 68 12.05 4.46 -14.05
N ASP A 69 12.59 5.64 -14.07
CA ASP A 69 13.24 6.14 -12.88
C ASP A 69 12.28 7.05 -12.06
N TYR A 70 12.25 6.82 -10.74
CA TYR A 70 11.39 7.57 -9.84
C TYR A 70 12.26 8.20 -8.75
N GLU A 71 11.85 9.37 -8.24
CA GLU A 71 12.46 9.94 -7.09
C GLU A 71 11.51 9.86 -5.91
N VAL A 72 12.02 9.33 -4.80
CA VAL A 72 11.36 9.23 -3.53
C VAL A 72 11.95 10.28 -2.62
N SER A 73 11.11 11.21 -2.20
CA SER A 73 11.65 12.29 -1.33
C SER A 73 11.11 12.11 0.08
N VAL A 74 11.89 12.52 1.07
CA VAL A 74 11.40 12.50 2.47
C VAL A 74 11.89 13.85 3.02
N LYS A 75 10.94 14.62 3.51
CA LYS A 75 11.28 15.93 4.05
CA LYS A 75 11.20 15.98 4.02
C LYS A 75 10.71 16.07 5.46
N PHE A 76 11.40 16.86 6.28
CA PHE A 76 10.94 17.05 7.62
C PHE A 76 10.98 18.53 7.80
N ASN A 77 9.84 19.10 8.16
CA ASN A 77 9.72 20.60 8.15
C ASN A 77 10.23 21.24 6.85
N GLU A 78 9.85 20.63 5.72
CA GLU A 78 10.08 21.19 4.38
C GLU A 78 11.54 21.15 3.94
N GLU A 79 12.37 20.41 4.68
CA GLU A 79 13.78 20.19 4.28
CA GLU A 79 13.74 20.19 4.23
C GLU A 79 14.02 18.71 3.98
N HIS A 80 14.72 18.42 2.88
CA HIS A 80 15.14 17.03 2.56
C HIS A 80 15.93 16.41 3.73
N ILE A 81 15.64 15.15 4.10
CA ILE A 81 16.48 14.48 5.08
C ILE A 81 17.78 14.02 4.38
N PRO A 82 18.79 13.56 5.16
CA PRO A 82 20.02 13.10 4.53
C PRO A 82 19.72 12.04 3.49
N ASP A 83 20.32 12.22 2.32
CA ASP A 83 20.18 11.29 1.15
C ASP A 83 18.87 11.40 0.35
N SER A 84 17.98 12.28 0.77
CA SER A 84 16.76 12.53 0.01
C SER A 84 17.05 13.66 -0.96
N PRO A 85 16.58 13.56 -2.23
CA PRO A 85 15.69 12.57 -2.82
C PRO A 85 16.46 11.30 -3.25
N PHE A 86 15.79 10.19 -3.14
CA PHE A 86 16.37 8.88 -3.50
C PHE A 86 15.96 8.54 -4.90
N VAL A 87 16.92 8.25 -5.78
CA VAL A 87 16.53 7.93 -7.17
C VAL A 87 16.46 6.39 -7.28
N VAL A 88 15.32 5.88 -7.71
CA VAL A 88 15.03 4.45 -7.68
C VAL A 88 14.65 3.94 -9.08
N PRO A 89 15.46 3.02 -9.65
CA PRO A 89 15.15 2.42 -10.97
C PRO A 89 14.04 1.43 -10.73
N VAL A 90 12.94 1.58 -11.46
CA VAL A 90 11.81 0.61 -11.37
C VAL A 90 11.82 -0.25 -12.65
N ALA A 91 12.05 -1.53 -12.46
CA ALA A 91 12.10 -2.50 -13.58
C ALA A 91 10.73 -3.13 -13.89
N SER A 92 10.56 -3.58 -15.15
CA SER A 92 9.45 -4.46 -15.48
C SER A 92 9.48 -5.70 -14.64
N PRO A 93 8.32 -6.27 -14.39
CA PRO A 93 8.34 -7.44 -13.55
C PRO A 93 8.84 -8.67 -14.34
N SER A 94 9.44 -9.62 -13.64
CA SER A 94 9.72 -10.94 -14.20
C SER A 94 9.62 -11.98 -13.09
N GLY A 104 2.68 4.05 -23.62
CA GLY A 104 2.50 4.73 -22.25
C GLY A 104 2.03 6.20 -22.30
N SER A 105 1.13 6.61 -21.40
CA SER A 105 0.64 8.01 -21.46
C SER A 105 1.77 8.98 -21.14
N SER A 106 1.75 10.20 -21.69
CA SER A 106 2.86 11.12 -21.54
C SER A 106 2.77 11.95 -20.23
N GLY A 107 3.81 12.74 -19.97
CA GLY A 107 3.92 13.53 -18.67
C GLY A 107 4.40 12.73 -17.48
N SER A 108 4.63 13.40 -16.33
CA SER A 108 5.11 12.71 -15.14
C SER A 108 4.19 13.12 -14.02
N TRP A 109 4.25 12.40 -12.94
CA TRP A 109 3.29 12.60 -11.81
C TRP A 109 4.11 12.71 -10.55
N LYS A 110 3.54 13.40 -9.56
CA LYS A 110 4.20 13.39 -8.25
C LYS A 110 3.05 13.23 -7.25
N VAL A 111 3.18 12.25 -6.39
CA VAL A 111 2.15 12.02 -5.33
C VAL A 111 2.86 12.18 -4.01
N GLY A 112 2.37 13.15 -3.21
CA GLY A 112 2.97 13.44 -1.86
C GLY A 112 1.95 13.30 -0.74
N PHE A 113 2.40 12.85 0.45
CA PHE A 113 1.54 12.74 1.58
C PHE A 113 2.27 13.54 2.72
N PHE A 114 1.50 14.32 3.48
CA PHE A 114 2.06 15.18 4.55
CA PHE A 114 2.01 15.25 4.50
C PHE A 114 1.29 14.89 5.82
N LYS A 115 2.05 14.64 6.87
CA LYS A 115 1.39 14.41 8.19
C LYS A 115 2.30 14.90 9.31
N ARG A 116 1.68 15.43 10.35
CA ARG A 116 2.40 15.83 11.56
C ARG A 116 2.94 14.61 12.26
N ASN A 117 4.26 14.57 12.46
CA ASN A 117 4.91 13.51 13.20
C ASN A 117 4.70 13.90 14.66
N ARG A 118 4.14 13.01 15.44
CA ARG A 118 3.98 13.30 16.85
C ARG A 118 4.51 12.13 17.68
N PRO A 119 5.69 12.30 18.31
CA PRO A 119 6.28 11.27 19.20
C PRO A 119 5.28 10.77 20.26
N PRO A 120 5.25 9.45 20.54
CA PRO A 120 4.26 8.97 21.52
C PRO A 120 4.75 9.11 22.96
N GLY B 1 -9.71 -29.08 -8.39
CA GLY B 1 -9.24 -28.04 -7.33
C GLY B 1 -10.35 -27.04 -6.96
N GLY B 2 -10.15 -25.76 -7.26
CA GLY B 2 -11.26 -24.76 -7.19
C GLY B 2 -11.33 -23.81 -5.98
N ALA B 3 -12.34 -22.97 -6.00
CA ALA B 3 -12.49 -21.89 -5.03
C ALA B 3 -12.64 -22.41 -3.61
N HIS B 4 -13.23 -23.61 -3.45
CA HIS B 4 -13.45 -24.12 -2.12
C HIS B 4 -12.15 -24.59 -1.48
N LYS B 5 -11.08 -24.67 -2.27
CA LYS B 5 -9.77 -25.00 -1.69
C LYS B 5 -8.97 -23.74 -1.21
N VAL B 6 -9.56 -22.56 -1.40
CA VAL B 6 -8.85 -21.30 -1.07
C VAL B 6 -9.25 -20.86 0.33
N ARG B 7 -8.26 -20.43 1.09
CA ARG B 7 -8.51 -19.87 2.43
C ARG B 7 -7.93 -18.48 2.54
N ALA B 8 -8.73 -17.53 3.03
CA ALA B 8 -8.26 -16.18 3.28
C ALA B 8 -8.50 -15.83 4.74
N GLY B 9 -7.58 -15.07 5.33
CA GLY B 9 -7.82 -14.54 6.68
C GLY B 9 -6.82 -13.45 7.06
N GLY B 10 -7.17 -12.66 8.08
CA GLY B 10 -6.27 -11.60 8.45
C GLY B 10 -7.04 -10.47 9.08
N PRO B 11 -6.34 -9.57 9.77
CA PRO B 11 -7.11 -8.49 10.44
C PRO B 11 -7.95 -7.62 9.50
N GLY B 12 -7.49 -7.42 8.26
CA GLY B 12 -8.26 -6.61 7.30
C GLY B 12 -9.54 -7.23 6.78
N LEU B 13 -9.83 -8.50 7.14
CA LEU B 13 -11.11 -9.07 6.82
C LEU B 13 -12.05 -8.95 8.00
N GLU B 14 -11.58 -8.31 9.06
CA GLU B 14 -12.37 -8.19 10.28
C GLU B 14 -12.74 -6.75 10.53
N ARG B 15 -11.74 -5.87 10.49
CA ARG B 15 -11.96 -4.45 10.85
C ARG B 15 -10.80 -3.63 10.22
N ALA B 16 -11.03 -2.35 10.02
CA ALA B 16 -10.01 -1.48 9.42
C ALA B 16 -10.25 -0.07 9.91
N GLU B 17 -9.30 0.82 9.61
CA GLU B 17 -9.42 2.22 9.92
C GLU B 17 -9.13 2.98 8.62
N ALA B 18 -9.88 4.06 8.36
CA ALA B 18 -9.63 4.89 7.17
C ALA B 18 -8.14 5.32 7.13
N GLY B 19 -7.52 5.15 5.97
CA GLY B 19 -6.07 5.58 5.73
C GLY B 19 -5.01 4.65 6.25
N VAL B 20 -5.39 3.57 6.97
CA VAL B 20 -4.47 2.65 7.58
C VAL B 20 -4.50 1.31 6.81
N PRO B 21 -3.33 0.82 6.33
CA PRO B 21 -3.39 -0.47 5.56
C PRO B 21 -4.03 -1.58 6.29
N ALA B 22 -5.01 -2.20 5.63
CA ALA B 22 -5.75 -3.29 6.21
C ALA B 22 -5.22 -4.58 5.51
N GLU B 23 -4.59 -5.46 6.30
CA GLU B 23 -3.85 -6.62 5.76
C GLU B 23 -4.55 -8.00 5.91
N PHE B 24 -4.29 -8.87 4.95
CA PHE B 24 -4.76 -10.28 5.02
C PHE B 24 -4.01 -11.14 4.05
N SER B 25 -4.17 -12.47 4.18
CA SER B 25 -3.43 -13.43 3.36
C SER B 25 -4.43 -14.31 2.71
N ILE B 26 -4.02 -14.88 1.60
CA ILE B 26 -4.87 -15.82 0.83
C ILE B 26 -3.98 -17.05 0.52
N TRP B 27 -4.45 -18.23 0.95
CA TRP B 27 -3.77 -19.51 0.65
C TRP B 27 -4.35 -20.13 -0.62
N THR B 28 -3.59 -20.06 -1.70
CA THR B 28 -4.17 -20.43 -2.98
C THR B 28 -3.52 -21.64 -3.59
N ARG B 29 -2.56 -22.25 -2.91
CA ARG B 29 -1.69 -23.23 -3.56
C ARG B 29 -2.41 -24.50 -3.95
N GLU B 30 -3.45 -24.84 -3.21
CA GLU B 30 -4.28 -26.01 -3.47
C GLU B 30 -5.43 -25.77 -4.50
N ALA B 31 -5.60 -24.53 -5.00
CA ALA B 31 -6.72 -24.20 -5.89
C ALA B 31 -6.53 -24.72 -7.31
N GLY B 32 -5.27 -24.80 -7.73
CA GLY B 32 -4.92 -25.14 -9.11
C GLY B 32 -4.93 -23.92 -9.99
N ALA B 33 -4.67 -24.12 -11.27
CA ALA B 33 -4.59 -23.02 -12.19
C ALA B 33 -5.99 -22.45 -12.41
N GLY B 34 -6.06 -21.13 -12.53
CA GLY B 34 -7.31 -20.42 -12.75
C GLY B 34 -7.17 -18.93 -12.39
N GLY B 35 -8.30 -18.23 -12.38
CA GLY B 35 -8.30 -16.74 -12.28
C GLY B 35 -8.62 -16.39 -10.84
N LEU B 36 -7.78 -15.59 -10.19
CA LEU B 36 -8.10 -15.11 -8.81
C LEU B 36 -8.53 -13.67 -8.97
N ALA B 37 -9.61 -13.25 -8.26
CA ALA B 37 -10.06 -11.86 -8.29
C ALA B 37 -10.22 -11.38 -6.84
N ILE B 38 -9.64 -10.24 -6.53
CA ILE B 38 -9.75 -9.74 -5.19
C ILE B 38 -10.32 -8.33 -5.32
N ALA B 39 -11.45 -8.04 -4.68
CA ALA B 39 -12.03 -6.67 -4.83
C ALA B 39 -12.46 -6.11 -3.50
N VAL B 40 -12.52 -4.78 -3.47
CA VAL B 40 -13.01 -4.05 -2.30
C VAL B 40 -14.07 -3.06 -2.79
N GLU B 41 -15.25 -3.13 -2.17
CA GLU B 41 -16.37 -2.30 -2.61
C GLU B 41 -16.88 -1.47 -1.41
N GLY B 42 -17.18 -0.20 -1.63
CA GLY B 42 -17.77 0.59 -0.55
C GLY B 42 -17.80 2.06 -0.88
N PRO B 43 -17.85 2.89 0.16
CA PRO B 43 -18.14 4.26 -0.14
C PRO B 43 -17.00 5.04 -0.76
N SER B 44 -15.77 4.53 -0.71
CA SER B 44 -14.67 5.21 -1.48
C SER B 44 -13.85 4.21 -2.27
N LYS B 45 -12.91 4.70 -3.11
CA LYS B 45 -12.15 3.82 -3.98
C LYS B 45 -10.91 3.24 -3.27
N ALA B 46 -10.78 1.90 -3.15
CA ALA B 46 -9.67 1.29 -2.41
C ALA B 46 -8.38 1.38 -3.25
N GLU B 47 -7.24 1.46 -2.58
CA GLU B 47 -5.95 1.16 -3.19
C GLU B 47 -5.52 -0.22 -2.63
N ILE B 48 -5.29 -1.16 -3.54
CA ILE B 48 -4.98 -2.51 -3.14
C ILE B 48 -3.59 -2.93 -3.63
N SER B 49 -2.84 -3.62 -2.78
CA SER B 49 -1.48 -4.07 -3.20
C SER B 49 -1.34 -5.51 -2.83
N PHE B 50 -0.33 -6.16 -3.40
CA PHE B 50 -0.21 -7.60 -3.32
CA PHE B 50 -0.22 -7.60 -3.30
C PHE B 50 1.24 -7.99 -3.23
N GLU B 51 1.56 -8.91 -2.33
CA GLU B 51 2.90 -9.45 -2.31
C GLU B 51 2.75 -10.95 -2.62
N ASP B 52 3.09 -11.36 -3.86
CA ASP B 52 3.18 -12.81 -4.24
C ASP B 52 4.46 -13.41 -3.69
N ARG B 53 4.34 -14.14 -2.61
CA ARG B 53 5.54 -14.49 -1.85
C ARG B 53 6.27 -15.76 -2.37
N LYS B 54 5.89 -16.20 -3.58
CA LYS B 54 6.52 -17.35 -4.33
C LYS B 54 6.21 -18.76 -3.74
N ASP B 55 5.00 -18.91 -3.19
CA ASP B 55 4.85 -19.70 -1.99
C ASP B 55 3.87 -20.91 -1.88
N GLY B 56 2.70 -20.93 -2.52
CA GLY B 56 1.93 -19.79 -2.89
C GLY B 56 0.92 -19.49 -1.78
N SER B 57 1.35 -18.66 -0.84
CA SER B 57 0.45 -17.77 -0.16
C SER B 57 0.54 -16.40 -0.86
N CYS B 58 -0.46 -15.55 -0.59
CA CYS B 58 -0.57 -14.23 -1.15
C CYS B 58 -0.87 -13.23 -0.02
N GLY B 59 -0.04 -12.21 0.12
CA GLY B 59 -0.35 -11.11 1.06
C GLY B 59 -1.10 -9.95 0.35
N VAL B 60 -2.23 -9.56 0.92
CA VAL B 60 -3.02 -8.42 0.36
C VAL B 60 -3.01 -7.31 1.37
N ALA B 61 -2.97 -6.05 0.91
CA ALA B 61 -3.21 -4.89 1.80
C ALA B 61 -4.07 -3.93 1.03
N TYR B 62 -5.06 -3.34 1.69
CA TYR B 62 -5.79 -2.24 1.06
C TYR B 62 -5.93 -1.04 1.97
N VAL B 63 -6.11 0.11 1.35
CA VAL B 63 -6.37 1.36 2.09
C VAL B 63 -7.59 2.00 1.49
N VAL B 64 -8.49 2.49 2.37
CA VAL B 64 -9.55 3.35 1.93
C VAL B 64 -9.56 4.66 2.68
N GLN B 65 -10.12 5.68 2.02
CA GLN B 65 -10.08 7.08 2.51
CA GLN B 65 -10.07 7.09 2.45
C GLN B 65 -11.21 7.37 3.47
N GLU B 66 -12.33 6.67 3.31
CA GLU B 66 -13.58 7.09 3.95
CA GLU B 66 -13.59 7.08 3.94
C GLU B 66 -14.09 6.03 4.90
N PRO B 67 -14.53 6.44 6.09
CA PRO B 67 -15.13 5.39 6.99
C PRO B 67 -16.47 4.85 6.42
N GLY B 68 -16.86 3.64 6.86
CA GLY B 68 -18.15 3.05 6.47
C GLY B 68 -17.98 1.57 6.37
N ASP B 69 -18.95 0.87 5.80
CA ASP B 69 -18.86 -0.53 5.64
C ASP B 69 -18.41 -0.90 4.22
N TYR B 70 -17.40 -1.78 4.13
CA TYR B 70 -16.86 -2.21 2.83
C TYR B 70 -17.06 -3.72 2.69
N GLU B 71 -17.14 -4.20 1.46
CA GLU B 71 -17.14 -5.63 1.21
C GLU B 71 -15.83 -5.99 0.51
N VAL B 72 -15.14 -6.94 1.08
CA VAL B 72 -13.90 -7.48 0.48
C VAL B 72 -14.25 -8.85 -0.05
N SER B 73 -14.04 -9.04 -1.33
CA SER B 73 -14.32 -10.35 -1.92
C SER B 73 -13.10 -11.02 -2.50
N VAL B 74 -13.06 -12.34 -2.41
CA VAL B 74 -12.03 -13.09 -3.08
C VAL B 74 -12.75 -14.23 -3.84
N LYS B 75 -12.51 -14.28 -5.16
CA LYS B 75 -13.18 -15.25 -6.06
C LYS B 75 -12.13 -16.04 -6.79
N PHE B 76 -12.43 -17.31 -7.10
CA PHE B 76 -11.51 -18.05 -7.91
C PHE B 76 -12.37 -18.64 -9.02
N ASN B 77 -11.98 -18.38 -10.26
CA ASN B 77 -12.87 -18.57 -11.42
C ASN B 77 -14.30 -17.99 -11.23
N GLU B 78 -14.39 -16.78 -10.67
CA GLU B 78 -15.70 -16.07 -10.52
C GLU B 78 -16.63 -16.70 -9.43
N GLU B 79 -16.12 -17.67 -8.65
CA GLU B 79 -16.81 -18.18 -7.47
C GLU B 79 -16.17 -17.65 -6.18
N HIS B 80 -17.01 -17.16 -5.25
CA HIS B 80 -16.55 -16.79 -3.92
C HIS B 80 -15.84 -17.91 -3.23
N ILE B 81 -14.67 -17.64 -2.65
CA ILE B 81 -14.04 -18.64 -1.78
C ILE B 81 -14.90 -18.72 -0.52
N PRO B 82 -14.54 -19.65 0.40
CA PRO B 82 -15.39 -19.76 1.59
C PRO B 82 -15.28 -18.50 2.43
N ASP B 83 -16.45 -18.03 2.87
CA ASP B 83 -16.62 -16.85 3.72
C ASP B 83 -16.49 -15.53 2.96
N SER B 84 -16.29 -15.61 1.65
CA SER B 84 -16.32 -14.39 0.84
C SER B 84 -17.76 -14.15 0.36
N PRO B 85 -18.25 -12.89 0.37
CA PRO B 85 -17.57 -11.59 0.66
C PRO B 85 -17.57 -11.32 2.11
N PHE B 86 -16.53 -10.66 2.56
CA PHE B 86 -16.29 -10.32 3.96
C PHE B 86 -16.77 -8.90 4.17
N VAL B 87 -17.54 -8.65 5.22
CA VAL B 87 -18.03 -7.32 5.45
C VAL B 87 -17.13 -6.69 6.49
N VAL B 88 -16.60 -5.50 6.23
CA VAL B 88 -15.57 -4.96 7.07
C VAL B 88 -15.98 -3.53 7.46
N PRO B 89 -16.23 -3.28 8.75
CA PRO B 89 -16.52 -1.92 9.10
C PRO B 89 -15.19 -1.19 9.18
N VAL B 90 -15.14 -0.01 8.58
CA VAL B 90 -13.95 0.77 8.57
C VAL B 90 -14.25 2.04 9.40
N ALA B 91 -13.52 2.17 10.50
CA ALA B 91 -13.69 3.31 11.43
C ALA B 91 -12.92 4.56 11.03
N SER B 92 -13.39 5.69 11.56
CA SER B 92 -12.60 6.91 11.56
C SER B 92 -11.33 6.73 12.39
N PRO B 93 -10.24 7.44 12.01
CA PRO B 93 -9.08 7.62 12.92
C PRO B 93 -9.49 8.24 14.27
N SER B 94 -8.69 8.03 15.31
CA SER B 94 -8.75 8.89 16.56
C SER B 94 -8.85 8.06 17.85
N GLY B 104 -18.52 12.67 2.40
CA GLY B 104 -17.80 12.58 1.09
C GLY B 104 -18.69 12.54 -0.16
N SER B 105 -18.09 12.27 -1.29
CA SER B 105 -18.87 12.23 -2.54
C SER B 105 -19.90 11.08 -2.52
N SER B 106 -20.95 11.22 -3.32
CA SER B 106 -22.03 10.20 -3.34
C SER B 106 -21.64 9.01 -4.26
N GLY B 107 -22.37 7.91 -4.14
CA GLY B 107 -22.09 6.71 -5.01
C GLY B 107 -21.12 5.78 -4.29
N SER B 108 -20.91 4.57 -4.84
CA SER B 108 -20.02 3.63 -4.21
C SER B 108 -19.07 3.09 -5.30
N TRP B 109 -17.95 2.61 -4.86
CA TRP B 109 -16.83 2.26 -5.81
C TRP B 109 -16.51 0.79 -5.56
N LYS B 110 -16.11 0.10 -6.62
CA LYS B 110 -15.53 -1.17 -6.41
C LYS B 110 -14.22 -1.20 -7.25
N VAL B 111 -13.17 -1.66 -6.61
CA VAL B 111 -11.83 -1.82 -7.24
C VAL B 111 -11.47 -3.28 -7.12
N GLY B 112 -11.22 -3.88 -8.31
CA GLY B 112 -10.87 -5.32 -8.34
C GLY B 112 -9.56 -5.58 -9.12
N PHE B 113 -8.80 -6.50 -8.62
CA PHE B 113 -7.53 -6.94 -9.27
C PHE B 113 -7.70 -8.42 -9.68
N PHE B 114 -7.24 -8.79 -10.88
CA PHE B 114 -7.43 -10.13 -11.38
C PHE B 114 -5.98 -10.63 -11.69
N LYS B 115 -5.60 -11.80 -11.18
CA LYS B 115 -4.28 -12.36 -11.56
C LYS B 115 -4.38 -13.88 -11.73
N ARG B 116 -3.59 -14.44 -12.64
CA ARG B 116 -3.48 -15.88 -12.88
CA ARG B 116 -3.59 -15.89 -12.83
C ARG B 116 -2.93 -16.55 -11.64
N ASN B 117 -3.62 -17.55 -11.11
CA ASN B 117 -3.05 -18.39 -10.04
C ASN B 117 -2.13 -19.43 -10.72
N ARG B 118 -0.92 -19.59 -10.19
CA ARG B 118 0.09 -20.54 -10.74
C ARG B 118 -0.31 -22.01 -10.57
#